data_1YHY
#
_entry.id   1YHY
#
_cell.length_a   178.226
_cell.length_b   178.226
_cell.length_c   185.248
_cell.angle_alpha   90.00
_cell.angle_beta   90.00
_cell.angle_gamma   120.00
#
_symmetry.space_group_name_H-M   'P 64 2 2'
#
loop_
_entity.id
_entity.type
_entity.pdbx_description
1 polymer 'Acetolactate synthase'
2 non-polymer 'MAGNESIUM ION'
3 non-polymer 'METHYL 2-[({[(4-METHOXY-6-METHYL-1,3,5-TRIAZIN-2-YL)AMINO]CARBONYL}AMINO)SULFONYL]BENZOATE'
4 non-polymer '2-[N-CYCLOHEXYLAMINO]ETHANE SULFONIC ACID'
5 non-polymer 'FLAVIN-ADENINE DINUCLEOTIDE'
6 non-polymer 'ETHYL DIHYDROGEN DIPHOSPHATE'
7 water water
#
_entity_poly.entity_id   1
_entity_poly.type   'polypeptide(L)'
_entity_poly.pdbx_seq_one_letter_code
;TFISRFAPDQPRKGADILVEALERQGVETVFAYPGGASMEIHQALTRSSSIRNVLPRHEQGGVFAAEGYARSSGKPGICI
ATSGPGATNLVSGLADALLDSVPLVAITGQVPRRMIGTDAFQETPIVEVTRSITKHNYLVMDVEDIPRIIEEAFFLATSG
RPGPVLVDVPKDIQQQLAIPNWEQAMRLPGYMSRMPKPPEDSHLEQIVRLISESKKPVLYVGGGCLNSSDELGRFVELTG
IPVASTLMGLGSYP(CSD)DDELSLHMLGMHGTVYANYAVEHSDLLLAFGVRFDDRVTGKLEAFASRAKIVHIDIDSAEI
GKNKTPHVSVCGDVKLALQGMNKVLENRAEELKLDFGVWRNELNVQKQKFPLSFKTFGEAIPPQYAIKVLDELTDGKAII
STGVGQHQMWAAQFYNYKKPRQWLSSGGLGAMGFGLPAAIGASVANPDAIVVDIDGDGSFIMNVQELATIRVENLPVKVL
LLNNQHLGMVMQWEDRFYKANRAHTFLGDPAQEDEIFPNMLLFAAACGIPAARVTKKADLREAIQTMLDTPGPYLLDVIC
PHQEHVLPMIPSGGTFNDVITEGDGRLEHHHHHH
;
_entity_poly.pdbx_strand_id   A
#
# COMPACT_ATOMS: atom_id res chain seq x y z
N THR A 1 -16.72 29.01 -7.42
CA THR A 1 -15.49 28.23 -7.10
C THR A 1 -15.11 27.24 -8.20
N PHE A 2 -15.98 27.10 -9.21
CA PHE A 2 -15.69 26.19 -10.32
C PHE A 2 -16.20 26.75 -11.64
N ILE A 3 -15.37 26.63 -12.68
CA ILE A 3 -15.75 27.13 -13.99
C ILE A 3 -15.83 25.99 -15.01
N SER A 4 -17.04 25.73 -15.49
CA SER A 4 -17.29 24.68 -16.48
C SER A 4 -16.89 25.17 -17.87
N ARG A 5 -16.76 24.24 -18.80
CA ARG A 5 -16.40 24.61 -20.17
C ARG A 5 -17.70 24.72 -20.98
N PHE A 6 -18.83 24.53 -20.30
CA PHE A 6 -20.15 24.59 -20.94
C PHE A 6 -21.11 25.55 -20.23
N ALA A 7 -22.12 26.02 -20.97
CA ALA A 7 -23.11 26.92 -20.40
C ALA A 7 -24.06 26.10 -19.53
N PRO A 8 -24.50 26.63 -18.39
CA PRO A 8 -25.41 25.92 -17.48
C PRO A 8 -26.67 25.40 -18.15
N ASP A 9 -26.93 25.88 -19.37
CA ASP A 9 -28.12 25.48 -20.11
C ASP A 9 -27.75 24.69 -21.37
N GLN A 10 -26.45 24.57 -21.62
CA GLN A 10 -25.98 23.85 -22.79
C GLN A 10 -25.89 22.35 -22.56
N PRO A 11 -26.55 21.56 -23.42
CA PRO A 11 -26.52 20.11 -23.29
C PRO A 11 -25.20 19.54 -23.81
N ARG A 12 -24.68 18.51 -23.15
CA ARG A 12 -23.44 17.88 -23.60
C ARG A 12 -23.44 16.39 -23.30
N LYS A 13 -22.59 15.67 -24.01
CA LYS A 13 -22.48 14.22 -23.86
C LYS A 13 -22.25 13.76 -22.42
N GLY A 14 -22.81 12.60 -22.09
CA GLY A 14 -22.64 12.06 -20.76
C GLY A 14 -21.17 11.92 -20.44
N ALA A 15 -20.37 11.61 -21.47
CA ALA A 15 -18.93 11.46 -21.31
C ALA A 15 -18.33 12.76 -20.79
N ASP A 16 -18.75 13.89 -21.39
CA ASP A 16 -18.26 15.19 -20.96
C ASP A 16 -18.75 15.52 -19.55
N ILE A 17 -19.92 15.02 -19.17
CA ILE A 17 -20.44 15.28 -17.84
C ILE A 17 -19.62 14.46 -16.82
N LEU A 18 -19.25 13.26 -17.22
CA LEU A 18 -18.45 12.38 -16.37
C LEU A 18 -17.07 13.01 -16.10
N VAL A 19 -16.48 13.62 -17.13
CA VAL A 19 -15.19 14.24 -16.95
C VAL A 19 -15.29 15.47 -16.04
N GLU A 20 -16.28 16.33 -16.28
CA GLU A 20 -16.44 17.51 -15.42
C GLU A 20 -16.74 17.05 -13.99
N ALA A 21 -17.39 15.89 -13.86
CA ALA A 21 -17.71 15.33 -12.55
C ALA A 21 -16.41 15.05 -11.82
N LEU A 22 -15.39 14.64 -12.57
CA LEU A 22 -14.07 14.36 -12.02
C LEU A 22 -13.35 15.66 -11.65
N GLU A 23 -13.40 16.64 -12.55
CA GLU A 23 -12.77 17.94 -12.32
C GLU A 23 -13.37 18.61 -11.08
N ARG A 24 -14.68 18.45 -10.91
CA ARG A 24 -15.35 19.05 -9.77
C ARG A 24 -14.97 18.34 -8.48
N GLN A 25 -14.32 17.20 -8.61
CA GLN A 25 -13.88 16.40 -7.46
C GLN A 25 -12.41 16.68 -7.15
N GLY A 26 -11.80 17.53 -7.97
CA GLY A 26 -10.41 17.88 -7.77
C GLY A 26 -9.42 16.94 -8.43
N VAL A 27 -9.92 16.06 -9.29
CA VAL A 27 -9.07 15.11 -9.98
C VAL A 27 -8.15 15.85 -10.96
N GLU A 28 -6.86 15.52 -10.94
CA GLU A 28 -5.89 16.16 -11.83
C GLU A 28 -5.21 15.11 -12.72
N THR A 29 -5.23 13.86 -12.26
CA THR A 29 -4.61 12.76 -12.99
C THR A 29 -5.48 11.51 -12.99
N VAL A 30 -5.44 10.78 -14.09
CA VAL A 30 -6.18 9.54 -14.22
C VAL A 30 -5.27 8.63 -15.03
N PHE A 31 -5.44 7.32 -14.86
CA PHE A 31 -4.64 6.36 -15.60
C PHE A 31 -5.62 5.56 -16.44
N ALA A 32 -5.75 5.97 -17.70
CA ALA A 32 -6.70 5.35 -18.60
C ALA A 32 -6.11 4.76 -19.86
N TYR A 33 -6.59 3.57 -20.20
CA TYR A 33 -6.16 2.86 -21.40
C TYR A 33 -7.40 2.78 -22.31
N PRO A 34 -7.34 3.46 -23.46
CA PRO A 34 -8.46 3.47 -24.41
C PRO A 34 -8.92 2.14 -24.98
N GLY A 35 -10.23 2.02 -25.14
CA GLY A 35 -10.84 0.82 -25.68
C GLY A 35 -12.14 1.23 -26.36
N GLY A 36 -12.73 0.33 -27.14
CA GLY A 36 -13.97 0.64 -27.84
C GLY A 36 -15.09 1.27 -27.02
N ALA A 37 -15.42 0.64 -25.89
CA ALA A 37 -16.50 1.11 -25.03
C ALA A 37 -16.20 2.39 -24.26
N SER A 38 -14.95 2.84 -24.26
CA SER A 38 -14.60 4.06 -23.54
C SER A 38 -14.08 5.20 -24.43
N MET A 39 -14.15 5.03 -25.74
CA MET A 39 -13.66 6.05 -26.65
C MET A 39 -14.20 7.44 -26.35
N GLU A 40 -15.51 7.53 -26.11
CA GLU A 40 -16.17 8.79 -25.81
C GLU A 40 -15.49 9.44 -24.60
N ILE A 41 -15.27 8.65 -23.56
CA ILE A 41 -14.65 9.15 -22.35
C ILE A 41 -13.27 9.74 -22.63
N HIS A 42 -12.49 9.06 -23.47
CA HIS A 42 -11.15 9.54 -23.80
C HIS A 42 -11.22 10.83 -24.60
N GLN A 43 -12.20 10.93 -25.50
CA GLN A 43 -12.38 12.14 -26.29
C GLN A 43 -12.71 13.29 -25.34
N ALA A 44 -13.54 13.03 -24.34
CA ALA A 44 -13.92 14.06 -23.39
C ALA A 44 -12.70 14.46 -22.56
N LEU A 45 -11.86 13.47 -22.30
CA LEU A 45 -10.64 13.69 -21.53
C LEU A 45 -9.73 14.72 -22.20
N THR A 46 -9.53 14.59 -23.51
CA THR A 46 -8.69 15.51 -24.25
C THR A 46 -9.26 16.92 -24.31
N ARG A 47 -10.55 17.06 -23.99
CA ARG A 47 -11.18 18.38 -24.00
C ARG A 47 -10.90 19.07 -22.70
N SER A 48 -10.45 18.30 -21.72
CA SER A 48 -10.15 18.84 -20.40
C SER A 48 -8.74 19.40 -20.41
N SER A 49 -8.53 20.46 -19.63
CA SER A 49 -7.22 21.07 -19.54
C SER A 49 -6.61 20.84 -18.15
N SER A 50 -7.45 20.56 -17.16
CA SER A 50 -6.97 20.34 -15.81
C SER A 50 -6.64 18.87 -15.50
N ILE A 51 -7.12 17.94 -16.32
CA ILE A 51 -6.85 16.53 -16.06
C ILE A 51 -5.85 15.93 -17.01
N ARG A 52 -4.76 15.39 -16.47
CA ARG A 52 -3.79 14.76 -17.33
C ARG A 52 -3.96 13.24 -17.25
N ASN A 53 -3.80 12.57 -18.38
CA ASN A 53 -3.92 11.13 -18.43
C ASN A 53 -2.55 10.49 -18.63
N VAL A 54 -2.29 9.48 -17.81
CA VAL A 54 -1.06 8.73 -17.92
C VAL A 54 -1.47 7.40 -18.53
N LEU A 55 -1.25 7.26 -19.84
CA LEU A 55 -1.59 6.05 -20.56
C LEU A 55 -0.64 4.91 -20.20
N PRO A 56 -1.13 3.87 -19.53
CA PRO A 56 -0.26 2.75 -19.16
C PRO A 56 -0.17 1.80 -20.35
N ARG A 57 0.56 0.71 -20.19
CA ARG A 57 0.66 -0.25 -21.28
C ARG A 57 -0.18 -1.48 -21.01
N HIS A 58 -0.79 -1.52 -19.83
CA HIS A 58 -1.66 -2.61 -19.45
C HIS A 58 -2.60 -2.10 -18.37
N GLU A 59 -3.88 -2.46 -18.49
CA GLU A 59 -4.91 -2.04 -17.55
C GLU A 59 -4.48 -2.32 -16.10
N GLN A 60 -3.76 -3.42 -15.89
CA GLN A 60 -3.30 -3.74 -14.55
C GLN A 60 -2.25 -2.70 -14.12
N GLY A 61 -1.50 -2.18 -15.09
CA GLY A 61 -0.53 -1.16 -14.79
C GLY A 61 -1.30 0.07 -14.35
N GLY A 62 -2.42 0.32 -15.05
CA GLY A 62 -3.26 1.46 -14.72
C GLY A 62 -3.74 1.45 -13.27
N VAL A 63 -4.32 0.33 -12.83
CA VAL A 63 -4.81 0.23 -11.46
C VAL A 63 -3.68 0.39 -10.44
N PHE A 64 -2.64 -0.43 -10.57
CA PHE A 64 -1.50 -0.36 -9.66
C PHE A 64 -0.91 1.07 -9.64
N ALA A 65 -0.87 1.74 -10.80
CA ALA A 65 -0.36 3.11 -10.84
C ALA A 65 -1.29 3.99 -9.99
N ALA A 66 -2.59 3.81 -10.18
CA ALA A 66 -3.58 4.56 -9.43
C ALA A 66 -3.41 4.29 -7.94
N GLU A 67 -3.11 3.05 -7.60
CA GLU A 67 -2.90 2.69 -6.20
C GLU A 67 -1.69 3.44 -5.65
N GLY A 68 -0.61 3.48 -6.42
CA GLY A 68 0.59 4.18 -6.00
C GLY A 68 0.25 5.65 -5.77
N TYR A 69 -0.40 6.24 -6.76
CA TYR A 69 -0.83 7.63 -6.69
C TYR A 69 -1.56 7.85 -5.36
N ALA A 70 -2.57 7.03 -5.10
CA ALA A 70 -3.34 7.14 -3.85
C ALA A 70 -2.49 6.93 -2.59
N ARG A 71 -1.86 5.77 -2.49
CA ARG A 71 -1.03 5.42 -1.33
C ARG A 71 0.04 6.44 -0.98
N SER A 72 0.55 7.16 -2.00
CA SER A 72 1.61 8.13 -1.76
C SER A 72 1.17 9.58 -1.60
N SER A 73 -0.12 9.85 -1.80
CA SER A 73 -0.62 11.20 -1.71
C SER A 73 -1.78 11.39 -0.75
N GLY A 74 -2.42 10.30 -0.36
CA GLY A 74 -3.56 10.41 0.53
C GLY A 74 -4.81 10.78 -0.26
N LYS A 75 -4.65 10.92 -1.57
CA LYS A 75 -5.76 11.25 -2.46
C LYS A 75 -6.29 9.97 -3.09
N PRO A 76 -7.50 10.00 -3.68
CA PRO A 76 -7.98 8.77 -4.29
C PRO A 76 -7.34 8.59 -5.67
N GLY A 77 -7.03 7.34 -6.05
CA GLY A 77 -6.43 7.09 -7.35
C GLY A 77 -7.51 6.81 -8.38
N ILE A 78 -7.36 7.36 -9.57
CA ILE A 78 -8.37 7.16 -10.60
C ILE A 78 -7.87 6.43 -11.85
N CYS A 79 -8.46 5.28 -12.15
CA CYS A 79 -8.09 4.54 -13.34
C CYS A 79 -9.33 4.31 -14.17
N ILE A 80 -9.15 4.31 -15.49
CA ILE A 80 -10.24 4.11 -16.42
C ILE A 80 -9.86 3.03 -17.42
N ALA A 81 -10.81 2.14 -17.72
CA ALA A 81 -10.58 1.06 -18.67
C ALA A 81 -11.84 0.84 -19.50
N THR A 82 -11.67 0.22 -20.66
CA THR A 82 -12.80 -0.07 -21.54
C THR A 82 -13.55 -1.31 -21.00
N SER A 83 -14.53 -1.79 -21.76
CA SER A 83 -15.30 -2.94 -21.32
C SER A 83 -14.54 -4.24 -21.50
N GLY A 84 -15.20 -5.34 -21.19
CA GLY A 84 -14.61 -6.66 -21.34
C GLY A 84 -13.20 -6.86 -20.80
N PRO A 85 -12.24 -7.18 -21.68
CA PRO A 85 -10.86 -7.40 -21.26
C PRO A 85 -10.26 -6.21 -20.50
N GLY A 86 -10.65 -5.00 -20.88
CA GLY A 86 -10.13 -3.84 -20.18
C GLY A 86 -10.50 -3.98 -18.72
N ALA A 87 -11.80 -4.02 -18.45
CA ALA A 87 -12.33 -4.14 -17.11
C ALA A 87 -11.82 -5.35 -16.32
N THR A 88 -11.79 -6.54 -16.91
CA THR A 88 -11.30 -7.68 -16.14
C THR A 88 -9.82 -7.54 -15.79
N ASN A 89 -9.08 -6.76 -16.56
CA ASN A 89 -7.66 -6.59 -16.26
C ASN A 89 -7.40 -5.70 -15.03
N LEU A 90 -8.46 -5.17 -14.44
CA LEU A 90 -8.30 -4.32 -13.26
C LEU A 90 -8.55 -5.14 -12.02
N VAL A 91 -9.21 -6.29 -12.18
CA VAL A 91 -9.55 -7.12 -11.04
C VAL A 91 -8.52 -7.25 -9.92
N SER A 92 -7.28 -7.63 -10.23
CA SER A 92 -6.28 -7.77 -9.18
C SER A 92 -6.04 -6.47 -8.45
N GLY A 93 -6.09 -5.35 -9.18
CA GLY A 93 -5.88 -4.06 -8.57
C GLY A 93 -6.97 -3.68 -7.58
N LEU A 94 -8.21 -3.98 -7.95
CA LEU A 94 -9.36 -3.68 -7.11
C LEU A 94 -9.26 -4.48 -5.81
N ALA A 95 -9.03 -5.80 -5.94
CA ALA A 95 -8.92 -6.67 -4.78
C ALA A 95 -7.78 -6.19 -3.87
N ASP A 96 -6.71 -5.73 -4.49
CA ASP A 96 -5.56 -5.23 -3.75
C ASP A 96 -5.92 -3.96 -2.98
N ALA A 97 -6.65 -3.06 -3.62
CA ALA A 97 -7.06 -1.81 -3.00
C ALA A 97 -8.08 -2.05 -1.89
N LEU A 98 -8.91 -3.09 -2.05
CA LEU A 98 -9.91 -3.39 -1.06
C LEU A 98 -9.28 -3.98 0.21
N LEU A 99 -8.34 -4.89 0.03
CA LEU A 99 -7.68 -5.52 1.16
C LEU A 99 -6.77 -4.58 1.92
N ASP A 100 -6.17 -3.62 1.22
CA ASP A 100 -5.28 -2.68 1.89
C ASP A 100 -5.93 -1.37 2.28
N SER A 101 -7.21 -1.22 1.93
CA SER A 101 -7.98 -0.02 2.24
C SER A 101 -7.41 1.24 1.63
N VAL A 102 -7.13 1.21 0.33
CA VAL A 102 -6.60 2.37 -0.36
C VAL A 102 -7.73 2.95 -1.23
N PRO A 103 -8.03 4.24 -1.04
CA PRO A 103 -9.11 4.91 -1.80
C PRO A 103 -8.81 4.86 -3.29
N LEU A 104 -9.76 4.35 -4.05
CA LEU A 104 -9.57 4.22 -5.48
C LEU A 104 -10.91 4.31 -6.18
N VAL A 105 -10.96 5.03 -7.30
CA VAL A 105 -12.19 5.11 -8.07
C VAL A 105 -11.88 4.60 -9.48
N ALA A 106 -12.53 3.50 -9.84
CA ALA A 106 -12.33 2.87 -11.13
C ALA A 106 -13.55 3.01 -12.03
N ILE A 107 -13.33 3.51 -13.23
CA ILE A 107 -14.39 3.70 -14.20
C ILE A 107 -14.16 2.76 -15.39
N THR A 108 -15.18 2.03 -15.79
CA THR A 108 -15.06 1.12 -16.92
C THR A 108 -16.15 1.35 -17.94
N GLY A 109 -15.78 1.26 -19.21
CA GLY A 109 -16.76 1.43 -20.25
C GLY A 109 -17.58 0.15 -20.29
N GLN A 110 -18.77 0.23 -20.87
CA GLN A 110 -19.66 -0.92 -20.98
C GLN A 110 -20.34 -0.84 -22.32
N VAL A 111 -20.83 -1.96 -22.79
CA VAL A 111 -21.55 -1.99 -24.05
C VAL A 111 -22.84 -1.20 -23.80
N PRO A 112 -23.54 -0.78 -24.86
CA PRO A 112 -24.78 -0.03 -24.65
C PRO A 112 -25.77 -0.83 -23.79
N ARG A 113 -26.60 -0.12 -23.02
CA ARG A 113 -27.56 -0.77 -22.14
C ARG A 113 -28.36 -1.91 -22.77
N ARG A 114 -28.96 -1.66 -23.92
CA ARG A 114 -29.78 -2.66 -24.60
C ARG A 114 -29.03 -3.93 -24.96
N MET A 115 -27.70 -3.84 -24.97
CA MET A 115 -26.84 -4.98 -25.32
C MET A 115 -26.41 -5.78 -24.09
N ILE A 116 -26.63 -5.22 -22.91
CA ILE A 116 -26.23 -5.89 -21.67
C ILE A 116 -26.98 -7.21 -21.51
N GLY A 117 -26.23 -8.24 -21.13
CA GLY A 117 -26.80 -9.57 -20.92
C GLY A 117 -27.01 -10.40 -22.17
N THR A 118 -26.65 -9.85 -23.33
CA THR A 118 -26.83 -10.57 -24.59
C THR A 118 -25.55 -11.20 -25.12
N ASP A 119 -24.48 -11.21 -24.32
CA ASP A 119 -23.21 -11.78 -24.78
C ASP A 119 -22.67 -10.92 -25.93
N ALA A 120 -22.71 -9.61 -25.74
CA ALA A 120 -22.25 -8.67 -26.75
C ALA A 120 -20.73 -8.63 -26.86
N PHE A 121 -20.27 -7.94 -27.90
CA PHE A 121 -18.85 -7.77 -28.15
C PHE A 121 -18.18 -7.09 -26.97
N GLN A 122 -17.12 -7.70 -26.46
CA GLN A 122 -16.37 -7.16 -25.33
C GLN A 122 -17.24 -6.83 -24.13
N GLU A 123 -18.14 -7.75 -23.79
CA GLU A 123 -19.02 -7.55 -22.64
C GLU A 123 -18.70 -8.52 -21.51
N THR A 124 -18.63 -8.01 -20.30
CA THR A 124 -18.43 -8.86 -19.14
C THR A 124 -19.25 -8.22 -18.04
N PRO A 125 -19.89 -9.03 -17.20
CA PRO A 125 -20.71 -8.49 -16.11
C PRO A 125 -19.77 -8.03 -14.99
N ILE A 126 -18.96 -7.02 -15.29
CA ILE A 126 -17.99 -6.52 -14.32
C ILE A 126 -18.58 -6.19 -12.95
N VAL A 127 -19.77 -5.58 -12.90
CA VAL A 127 -20.37 -5.25 -11.63
C VAL A 127 -20.61 -6.52 -10.80
N GLU A 128 -20.96 -7.60 -11.47
CA GLU A 128 -21.21 -8.89 -10.83
C GLU A 128 -19.87 -9.48 -10.34
N VAL A 129 -18.87 -9.42 -11.21
CA VAL A 129 -17.55 -9.93 -10.93
C VAL A 129 -16.85 -9.22 -9.77
N THR A 130 -16.95 -7.89 -9.74
CA THR A 130 -16.27 -7.09 -8.72
C THR A 130 -17.01 -6.76 -7.43
N ARG A 131 -18.24 -7.23 -7.28
CA ARG A 131 -19.02 -6.93 -6.09
C ARG A 131 -18.33 -7.34 -4.78
N SER A 132 -17.62 -8.46 -4.79
CA SER A 132 -16.96 -8.92 -3.58
C SER A 132 -15.52 -8.42 -3.46
N ILE A 133 -15.03 -7.72 -4.47
CA ILE A 133 -13.67 -7.22 -4.39
C ILE A 133 -13.57 -5.71 -4.43
N THR A 134 -14.69 -5.05 -4.21
CA THR A 134 -14.72 -3.59 -4.17
C THR A 134 -15.54 -3.15 -2.96
N LYS A 135 -15.36 -1.92 -2.51
CA LYS A 135 -16.11 -1.45 -1.36
C LYS A 135 -17.56 -1.30 -1.79
N HIS A 136 -17.73 -0.92 -3.05
CA HIS A 136 -19.05 -0.72 -3.62
C HIS A 136 -18.86 -0.50 -5.13
N ASN A 137 -19.92 -0.70 -5.91
CA ASN A 137 -19.82 -0.49 -7.35
C ASN A 137 -21.16 -0.07 -7.93
N TYR A 138 -21.14 0.46 -9.15
CA TYR A 138 -22.35 0.92 -9.81
C TYR A 138 -22.37 0.61 -11.30
N LEU A 139 -23.58 0.64 -11.86
CA LEU A 139 -23.82 0.44 -13.29
C LEU A 139 -24.73 1.63 -13.61
N VAL A 140 -24.18 2.65 -14.25
CA VAL A 140 -25.00 3.82 -14.57
C VAL A 140 -26.03 3.45 -15.62
N MET A 141 -27.30 3.68 -15.30
CA MET A 141 -28.40 3.35 -16.23
C MET A 141 -29.03 4.56 -16.87
N ASP A 142 -28.56 5.74 -16.48
CA ASP A 142 -29.08 6.98 -17.04
C ASP A 142 -28.06 8.10 -16.91
N VAL A 143 -27.90 8.87 -17.98
CA VAL A 143 -26.96 9.97 -17.96
C VAL A 143 -27.27 10.95 -16.83
N GLU A 144 -28.54 11.04 -16.44
CA GLU A 144 -28.93 11.92 -15.36
C GLU A 144 -28.27 11.58 -14.03
N ASP A 145 -27.88 10.32 -13.85
CA ASP A 145 -27.25 9.88 -12.60
C ASP A 145 -25.74 10.09 -12.50
N ILE A 146 -25.08 10.40 -13.62
CA ILE A 146 -23.64 10.57 -13.59
C ILE A 146 -23.14 11.49 -12.48
N PRO A 147 -23.62 12.74 -12.42
CA PRO A 147 -23.14 13.62 -11.35
C PRO A 147 -23.23 12.99 -9.97
N ARG A 148 -24.40 12.46 -9.64
CA ARG A 148 -24.64 11.87 -8.33
C ARG A 148 -23.79 10.64 -8.03
N ILE A 149 -23.68 9.74 -9.00
CA ILE A 149 -22.90 8.52 -8.78
C ILE A 149 -21.41 8.80 -8.61
N ILE A 150 -20.88 9.75 -9.39
CA ILE A 150 -19.48 10.09 -9.27
C ILE A 150 -19.22 10.68 -7.88
N GLU A 151 -20.08 11.58 -7.45
CA GLU A 151 -19.94 12.18 -6.13
C GLU A 151 -19.98 11.10 -5.05
N GLU A 152 -20.96 10.20 -5.16
CA GLU A 152 -21.10 9.09 -4.21
C GLU A 152 -19.87 8.18 -4.19
N ALA A 153 -19.37 7.84 -5.38
CA ALA A 153 -18.21 6.96 -5.50
C ALA A 153 -17.02 7.53 -4.75
N PHE A 154 -16.68 8.79 -5.05
CA PHE A 154 -15.55 9.43 -4.37
C PHE A 154 -15.80 9.50 -2.88
N PHE A 155 -17.02 9.85 -2.48
CA PHE A 155 -17.31 9.91 -1.08
C PHE A 155 -17.04 8.54 -0.43
N LEU A 156 -17.67 7.50 -0.97
CA LEU A 156 -17.49 6.15 -0.45
C LEU A 156 -16.04 5.65 -0.48
N ALA A 157 -15.31 6.00 -1.53
CA ALA A 157 -13.93 5.56 -1.65
C ALA A 157 -13.02 6.27 -0.65
N THR A 158 -13.39 7.51 -0.33
CA THR A 158 -12.60 8.35 0.55
C THR A 158 -12.91 8.31 2.04
N SER A 159 -14.18 8.21 2.39
CA SER A 159 -14.61 8.21 3.79
C SER A 159 -14.48 6.88 4.54
N GLY A 160 -14.69 6.95 5.86
CA GLY A 160 -14.60 5.77 6.71
C GLY A 160 -13.34 4.99 6.41
N ARG A 161 -13.51 3.72 6.11
CA ARG A 161 -12.39 2.86 5.77
C ARG A 161 -12.30 2.99 4.25
N PRO A 162 -11.26 3.67 3.74
CA PRO A 162 -11.08 3.87 2.30
C PRO A 162 -11.04 2.55 1.54
N GLY A 163 -11.42 2.61 0.27
CA GLY A 163 -11.42 1.41 -0.55
C GLY A 163 -11.77 1.72 -1.99
N PRO A 164 -11.83 0.70 -2.86
CA PRO A 164 -12.15 0.91 -4.27
C PRO A 164 -13.64 0.91 -4.57
N VAL A 165 -14.02 1.73 -5.53
CA VAL A 165 -15.40 1.85 -5.97
C VAL A 165 -15.36 1.85 -7.49
N LEU A 166 -16.09 0.92 -8.10
CA LEU A 166 -16.10 0.82 -9.55
C LEU A 166 -17.40 1.36 -10.14
N VAL A 167 -17.28 2.17 -11.19
CA VAL A 167 -18.44 2.75 -11.86
C VAL A 167 -18.49 2.29 -13.30
N ASP A 168 -19.53 1.51 -13.61
CA ASP A 168 -19.73 0.95 -14.94
C ASP A 168 -20.59 1.90 -15.78
N VAL A 169 -20.05 2.38 -16.90
CA VAL A 169 -20.75 3.35 -17.74
C VAL A 169 -21.06 2.90 -19.17
N PRO A 170 -22.31 2.52 -19.46
CA PRO A 170 -22.64 2.09 -20.82
C PRO A 170 -22.33 3.16 -21.86
N LYS A 171 -21.82 2.72 -23.00
CA LYS A 171 -21.45 3.62 -24.08
C LYS A 171 -22.57 4.53 -24.54
N ASP A 172 -23.79 4.03 -24.61
CA ASP A 172 -24.89 4.87 -25.05
C ASP A 172 -25.11 6.03 -24.07
N ILE A 173 -24.86 5.81 -22.78
CA ILE A 173 -25.03 6.87 -21.79
C ILE A 173 -23.92 7.91 -21.99
N GLN A 174 -22.75 7.45 -22.41
CA GLN A 174 -21.63 8.35 -22.65
C GLN A 174 -21.93 9.29 -23.82
N GLN A 175 -22.78 8.82 -24.74
CA GLN A 175 -23.13 9.59 -25.92
C GLN A 175 -24.39 10.41 -25.80
N GLN A 176 -25.20 10.10 -24.78
CA GLN A 176 -26.45 10.81 -24.57
C GLN A 176 -26.23 12.26 -24.15
N LEU A 177 -26.93 13.19 -24.79
CA LEU A 177 -26.79 14.60 -24.46
C LEU A 177 -27.71 14.97 -23.30
N ALA A 178 -27.18 15.77 -22.38
CA ALA A 178 -27.97 16.20 -21.23
C ALA A 178 -27.35 17.40 -20.53
N ILE A 179 -28.13 17.97 -19.61
CA ILE A 179 -27.69 19.11 -18.83
C ILE A 179 -27.54 18.60 -17.42
N PRO A 180 -26.29 18.50 -16.94
CA PRO A 180 -25.99 18.00 -15.60
C PRO A 180 -26.53 18.88 -14.48
N ASN A 181 -26.88 18.23 -13.38
CA ASN A 181 -27.36 18.90 -12.18
C ASN A 181 -26.36 18.55 -11.09
N TRP A 182 -25.45 19.48 -10.82
CA TRP A 182 -24.42 19.27 -9.83
C TRP A 182 -24.92 19.46 -8.40
N GLU A 183 -26.22 19.73 -8.26
CA GLU A 183 -26.81 19.96 -6.95
C GLU A 183 -27.44 18.71 -6.35
N GLN A 184 -27.51 17.63 -7.14
CA GLN A 184 -28.09 16.37 -6.69
C GLN A 184 -27.50 15.88 -5.35
N ALA A 185 -28.38 15.48 -4.44
CA ALA A 185 -27.97 14.97 -3.13
C ALA A 185 -27.61 13.48 -3.27
N MET A 186 -26.75 13.00 -2.37
CA MET A 186 -26.34 11.59 -2.42
C MET A 186 -27.35 10.69 -1.72
N ARG A 187 -27.47 9.46 -2.20
CA ARG A 187 -28.39 8.49 -1.63
C ARG A 187 -27.63 7.46 -0.81
N LEU A 188 -27.07 7.90 0.32
CA LEU A 188 -26.32 7.01 1.17
C LEU A 188 -26.78 7.14 2.63
N PRO A 189 -28.10 7.13 2.85
CA PRO A 189 -28.60 7.26 4.22
C PRO A 189 -28.03 6.23 5.19
N GLY A 190 -28.05 4.96 4.80
CA GLY A 190 -27.53 3.91 5.66
C GLY A 190 -26.08 4.13 6.06
N TYR A 191 -25.23 4.26 5.06
CA TYR A 191 -23.80 4.47 5.23
C TYR A 191 -23.51 5.71 6.08
N MET A 192 -24.10 6.84 5.70
CA MET A 192 -23.85 8.07 6.43
C MET A 192 -24.35 8.06 7.86
N SER A 193 -25.39 7.28 8.14
CA SER A 193 -25.90 7.23 9.51
C SER A 193 -25.01 6.33 10.38
N ARG A 194 -24.23 5.47 9.73
CA ARG A 194 -23.35 4.55 10.41
C ARG A 194 -21.93 5.08 10.59
N MET A 195 -21.62 6.21 9.96
CA MET A 195 -20.29 6.81 10.09
C MET A 195 -20.00 7.12 11.55
N PRO A 196 -18.87 6.64 12.07
CA PRO A 196 -18.54 6.89 13.48
C PRO A 196 -18.53 8.38 13.85
N LYS A 197 -19.02 8.68 15.05
CA LYS A 197 -19.04 10.04 15.55
C LYS A 197 -17.72 10.20 16.29
N PRO A 198 -17.28 11.44 16.56
CA PRO A 198 -16.02 11.62 17.28
C PRO A 198 -16.01 10.89 18.62
N PRO A 199 -14.85 10.37 19.04
CA PRO A 199 -14.75 9.66 20.31
C PRO A 199 -15.20 10.44 21.54
N GLU A 200 -15.79 9.74 22.50
CA GLU A 200 -16.26 10.36 23.73
C GLU A 200 -15.13 10.43 24.73
N ASP A 201 -15.13 11.49 25.53
CA ASP A 201 -14.10 11.68 26.54
C ASP A 201 -14.08 10.52 27.53
N SER A 202 -15.26 9.98 27.82
CA SER A 202 -15.36 8.86 28.75
C SER A 202 -14.48 7.70 28.27
N HIS A 203 -14.68 7.29 27.03
CA HIS A 203 -13.91 6.20 26.44
C HIS A 203 -12.42 6.48 26.46
N LEU A 204 -12.03 7.65 25.97
CA LEU A 204 -10.62 8.02 25.91
C LEU A 204 -9.95 8.07 27.29
N GLU A 205 -10.62 8.69 28.25
CA GLU A 205 -10.06 8.80 29.59
C GLU A 205 -9.90 7.46 30.26
N GLN A 206 -10.73 6.49 29.89
CA GLN A 206 -10.63 5.15 30.47
C GLN A 206 -9.33 4.50 29.97
N ILE A 207 -8.95 4.87 28.75
CA ILE A 207 -7.74 4.34 28.14
C ILE A 207 -6.53 4.92 28.86
N VAL A 208 -6.51 6.24 29.05
CA VAL A 208 -5.41 6.89 29.74
C VAL A 208 -5.28 6.28 31.14
N ARG A 209 -6.40 5.80 31.65
CA ARG A 209 -6.43 5.17 32.97
C ARG A 209 -5.67 3.85 32.89
N LEU A 210 -6.01 3.04 31.89
CA LEU A 210 -5.36 1.75 31.70
C LEU A 210 -3.86 1.90 31.49
N ILE A 211 -3.47 2.97 30.81
CA ILE A 211 -2.07 3.24 30.54
C ILE A 211 -1.32 3.50 31.85
N SER A 212 -1.94 4.27 32.73
CA SER A 212 -1.33 4.60 34.02
C SER A 212 -1.31 3.41 34.97
N GLU A 213 -2.15 2.41 34.71
CA GLU A 213 -2.21 1.24 35.56
C GLU A 213 -1.43 0.07 35.00
N SER A 214 -0.69 0.31 33.93
CA SER A 214 0.09 -0.74 33.28
C SER A 214 1.57 -0.59 33.55
N LYS A 215 2.32 -1.66 33.33
CA LYS A 215 3.77 -1.65 33.54
C LYS A 215 4.50 -2.02 32.25
N LYS A 216 3.83 -2.77 31.38
CA LYS A 216 4.42 -3.20 30.11
C LYS A 216 3.55 -2.87 28.90
N PRO A 217 3.33 -1.58 28.63
CA PRO A 217 2.50 -1.19 27.47
C PRO A 217 3.23 -1.27 26.13
N VAL A 218 2.48 -1.59 25.08
CA VAL A 218 3.04 -1.69 23.74
C VAL A 218 2.05 -1.10 22.73
N LEU A 219 2.55 -0.27 21.83
CA LEU A 219 1.71 0.32 20.80
C LEU A 219 1.76 -0.58 19.55
N TYR A 220 0.57 -1.00 19.08
CA TYR A 220 0.42 -1.85 17.89
C TYR A 220 -0.19 -0.95 16.80
N VAL A 221 0.68 -0.37 15.99
CA VAL A 221 0.28 0.55 14.93
C VAL A 221 0.22 -0.05 13.54
N GLY A 222 -0.84 0.31 12.80
CA GLY A 222 -1.03 -0.21 11.46
C GLY A 222 -1.36 0.87 10.44
N GLY A 223 -1.84 0.45 9.27
CA GLY A 223 -2.17 1.39 8.22
C GLY A 223 -3.20 2.47 8.55
N GLY A 224 -3.99 2.25 9.61
CA GLY A 224 -4.99 3.23 9.98
C GLY A 224 -4.39 4.51 10.53
N CYS A 225 -3.10 4.50 10.82
CA CYS A 225 -2.42 5.67 11.36
C CYS A 225 -1.71 6.53 10.33
N LEU A 226 -1.80 6.15 9.05
CA LEU A 226 -1.11 6.90 8.01
C LEU A 226 -1.42 8.39 7.97
N ASN A 227 -2.50 8.81 8.63
CA ASN A 227 -2.88 10.24 8.64
C ASN A 227 -2.81 10.79 10.05
N SER A 228 -2.13 10.08 10.94
CA SER A 228 -2.02 10.51 12.32
C SER A 228 -0.56 10.57 12.73
N SER A 229 0.29 10.83 11.76
CA SER A 229 1.73 10.91 11.99
C SER A 229 2.07 11.83 13.18
N ASP A 230 1.58 13.06 13.15
CA ASP A 230 1.86 13.99 14.23
C ASP A 230 1.18 13.65 15.55
N GLU A 231 -0.10 13.30 15.50
CA GLU A 231 -0.84 12.94 16.71
C GLU A 231 -0.16 11.78 17.45
N LEU A 232 0.23 10.75 16.70
CA LEU A 232 0.89 9.59 17.29
C LEU A 232 2.21 9.97 17.92
N GLY A 233 2.96 10.85 17.25
CA GLY A 233 4.23 11.30 17.76
C GLY A 233 4.08 11.94 19.12
N ARG A 234 3.20 12.94 19.20
CA ARG A 234 2.95 13.63 20.47
C ARG A 234 2.51 12.63 21.53
N PHE A 235 1.71 11.64 21.12
CA PHE A 235 1.22 10.62 22.02
C PHE A 235 2.37 9.81 22.63
N VAL A 236 3.27 9.32 21.79
CA VAL A 236 4.39 8.53 22.30
C VAL A 236 5.26 9.42 23.17
N GLU A 237 5.29 10.70 22.83
CA GLU A 237 6.08 11.65 23.58
C GLU A 237 5.54 11.80 24.99
N LEU A 238 4.23 11.87 25.12
CA LEU A 238 3.56 12.04 26.41
C LEU A 238 3.47 10.77 27.26
N THR A 239 3.59 9.60 26.64
CA THR A 239 3.47 8.34 27.37
C THR A 239 4.76 7.52 27.45
N GLY A 240 5.63 7.71 26.46
CA GLY A 240 6.88 6.98 26.43
C GLY A 240 6.67 5.49 26.23
N ILE A 241 5.69 5.14 25.40
CA ILE A 241 5.38 3.74 25.11
C ILE A 241 6.06 3.28 23.82
N PRO A 242 6.72 2.11 23.84
CA PRO A 242 7.38 1.59 22.65
C PRO A 242 6.38 1.29 21.52
N VAL A 243 6.79 1.59 20.29
CA VAL A 243 5.94 1.41 19.12
C VAL A 243 6.30 0.26 18.19
N ALA A 244 5.37 -0.67 18.00
CA ALA A 244 5.56 -1.80 17.09
C ALA A 244 4.62 -1.51 15.91
N SER A 245 5.13 -1.61 14.68
CA SER A 245 4.33 -1.32 13.50
C SER A 245 4.07 -2.53 12.61
N THR A 246 3.00 -2.49 11.81
CA THR A 246 2.70 -3.56 10.87
C THR A 246 3.32 -3.13 9.54
N LEU A 247 3.30 -4.03 8.57
CA LEU A 247 3.86 -3.71 7.27
C LEU A 247 3.14 -2.51 6.66
N MET A 248 1.83 -2.42 6.90
CA MET A 248 1.03 -1.31 6.37
C MET A 248 1.22 -0.03 7.16
N GLY A 249 1.65 -0.15 8.41
CA GLY A 249 1.85 1.03 9.22
C GLY A 249 3.24 1.67 9.18
N LEU A 250 4.19 1.05 8.49
CA LEU A 250 5.55 1.60 8.44
C LEU A 250 5.57 3.08 8.10
N GLY A 251 6.31 3.85 8.90
CA GLY A 251 6.40 5.28 8.66
C GLY A 251 5.50 6.14 9.53
N SER A 252 4.40 5.50 10.21
CA SER A 252 3.47 6.27 11.02
C SER A 252 4.31 6.89 12.13
N TYR A 253 5.25 6.10 12.63
CA TYR A 253 6.18 6.51 13.66
C TYR A 253 7.55 6.14 13.08
N PRO A 254 8.49 7.11 13.02
CA PRO A 254 9.84 6.89 12.48
C PRO A 254 10.56 5.63 12.98
N ASP A 256 13.49 4.93 12.83
CA ASP A 256 14.82 5.29 13.35
C ASP A 256 14.79 5.77 14.78
N ASP A 257 13.64 6.21 15.27
CA ASP A 257 13.51 6.68 16.64
C ASP A 257 13.85 5.56 17.61
N GLU A 258 14.38 5.92 18.77
CA GLU A 258 14.78 4.93 19.77
C GLU A 258 13.59 4.23 20.43
N LEU A 259 12.43 4.87 20.37
CA LEU A 259 11.22 4.30 20.96
C LEU A 259 10.58 3.30 20.01
N SER A 260 11.08 3.23 18.78
CA SER A 260 10.55 2.33 17.77
C SER A 260 10.99 0.89 17.92
N LEU A 261 10.03 -0.04 17.95
CA LEU A 261 10.32 -1.46 18.06
C LEU A 261 10.27 -2.07 16.66
N HIS A 262 10.05 -1.21 15.67
CA HIS A 262 9.96 -1.62 14.28
C HIS A 262 8.77 -2.55 14.03
N MET A 263 8.87 -3.38 13.00
CA MET A 263 7.79 -4.26 12.59
C MET A 263 7.65 -5.55 13.39
N LEU A 264 6.40 -5.93 13.64
CA LEU A 264 6.11 -7.18 14.34
C LEU A 264 5.50 -8.13 13.32
N GLY A 265 5.21 -9.35 13.75
CA GLY A 265 4.62 -10.32 12.84
C GLY A 265 5.52 -11.43 12.37
N MET A 266 5.02 -12.18 11.39
CA MET A 266 5.72 -13.31 10.81
C MET A 266 7.21 -13.01 10.61
N HIS A 267 7.51 -11.84 10.06
CA HIS A 267 8.90 -11.45 9.84
C HIS A 267 9.27 -10.21 10.62
N GLY A 268 8.58 -10.00 11.73
CA GLY A 268 8.87 -8.86 12.58
C GLY A 268 10.11 -9.12 13.42
N THR A 269 10.67 -8.06 13.99
CA THR A 269 11.86 -8.17 14.82
C THR A 269 11.59 -9.06 16.04
N VAL A 270 12.63 -9.74 16.52
CA VAL A 270 12.48 -10.59 17.69
C VAL A 270 11.99 -9.75 18.87
N TYR A 271 12.50 -8.53 19.01
CA TYR A 271 12.09 -7.69 20.12
C TYR A 271 10.68 -7.13 20.00
N ALA A 272 10.24 -6.85 18.78
CA ALA A 272 8.88 -6.34 18.58
C ALA A 272 7.89 -7.42 19.02
N ASN A 273 8.08 -8.63 18.51
CA ASN A 273 7.20 -9.74 18.85
C ASN A 273 7.30 -10.08 20.33
N TYR A 274 8.47 -9.84 20.89
CA TYR A 274 8.71 -10.11 22.31
C TYR A 274 7.87 -9.14 23.13
N ALA A 275 7.96 -7.86 22.78
CA ALA A 275 7.21 -6.82 23.47
C ALA A 275 5.73 -7.17 23.54
N VAL A 276 5.18 -7.59 22.41
CA VAL A 276 3.77 -7.94 22.36
C VAL A 276 3.50 -9.18 23.20
N GLU A 277 4.36 -10.19 23.06
CA GLU A 277 4.22 -11.43 23.79
C GLU A 277 4.16 -11.25 25.30
N HIS A 278 4.81 -10.20 25.80
CA HIS A 278 4.84 -9.97 27.24
C HIS A 278 4.17 -8.69 27.71
N SER A 279 3.54 -7.96 26.79
CA SER A 279 2.87 -6.72 27.14
C SER A 279 1.68 -7.02 28.03
N ASP A 280 1.29 -6.06 28.85
CA ASP A 280 0.13 -6.23 29.72
C ASP A 280 -0.94 -5.27 29.21
N LEU A 281 -0.57 -4.46 28.23
CA LEU A 281 -1.49 -3.50 27.61
C LEU A 281 -1.13 -3.33 26.13
N LEU A 282 -2.03 -3.73 25.24
CA LEU A 282 -1.80 -3.62 23.81
C LEU A 282 -2.64 -2.51 23.22
N LEU A 283 -1.99 -1.47 22.69
CA LEU A 283 -2.72 -0.37 22.08
C LEU A 283 -2.77 -0.54 20.56
N ALA A 284 -3.77 -1.28 20.10
CA ALA A 284 -3.98 -1.57 18.69
C ALA A 284 -4.66 -0.41 17.99
N PHE A 285 -3.88 0.45 17.35
CA PHE A 285 -4.45 1.61 16.64
C PHE A 285 -4.34 1.50 15.12
N GLY A 286 -5.48 1.38 14.47
CA GLY A 286 -5.50 1.29 13.02
C GLY A 286 -4.94 0.00 12.47
N VAL A 287 -5.21 -1.10 13.17
CA VAL A 287 -4.74 -2.41 12.75
C VAL A 287 -5.92 -3.36 12.61
N ARG A 288 -5.71 -4.51 11.98
CA ARG A 288 -6.79 -5.46 11.80
C ARG A 288 -6.44 -6.87 12.24
N PHE A 289 -5.49 -6.98 13.15
CA PHE A 289 -5.07 -8.27 13.69
C PHE A 289 -4.96 -9.36 12.61
N ASP A 290 -4.11 -9.11 11.61
CA ASP A 290 -3.87 -10.03 10.50
C ASP A 290 -3.17 -11.31 10.95
N ASP A 291 -3.41 -12.42 10.25
CA ASP A 291 -2.79 -13.69 10.62
C ASP A 291 -1.26 -13.64 10.45
N ARG A 292 -0.78 -12.75 9.60
CA ARG A 292 0.65 -12.57 9.41
C ARG A 292 1.26 -12.01 10.70
N VAL A 293 0.47 -11.17 11.37
CA VAL A 293 0.90 -10.55 12.60
C VAL A 293 0.61 -11.37 13.86
N THR A 294 -0.61 -11.89 13.99
CA THR A 294 -0.96 -12.62 15.20
C THR A 294 -0.48 -14.08 15.32
N GLY A 295 -0.31 -14.76 14.21
CA GLY A 295 0.08 -16.16 14.31
C GLY A 295 -1.09 -16.83 15.00
N LYS A 296 -0.82 -17.69 15.98
CA LYS A 296 -1.92 -18.35 16.69
C LYS A 296 -2.59 -17.31 17.59
N LEU A 297 -3.81 -16.90 17.22
CA LEU A 297 -4.57 -15.89 17.97
C LEU A 297 -4.53 -16.02 19.49
N GLU A 298 -4.73 -17.23 19.98
CA GLU A 298 -4.76 -17.47 21.42
C GLU A 298 -3.45 -17.12 22.11
N ALA A 299 -2.32 -17.32 21.44
CA ALA A 299 -1.02 -17.01 22.02
C ALA A 299 -0.62 -15.54 21.85
N PHE A 300 -1.27 -14.87 20.92
CA PHE A 300 -0.98 -13.45 20.64
C PHE A 300 -1.41 -12.54 21.78
N ALA A 301 -0.47 -11.77 22.33
CA ALA A 301 -0.75 -10.85 23.43
C ALA A 301 -1.67 -11.47 24.47
N SER A 302 -1.43 -12.73 24.79
CA SER A 302 -2.23 -13.51 25.73
C SER A 302 -2.30 -12.99 27.15
N ARG A 303 -1.29 -12.23 27.58
CA ARG A 303 -1.27 -11.72 28.94
C ARG A 303 -1.41 -10.20 29.01
N ALA A 304 -2.39 -9.64 28.24
CA ALA A 304 -2.49 -8.19 28.30
C ALA A 304 -3.87 -7.72 27.90
N LYS A 305 -4.22 -6.52 28.47
CA LYS A 305 -5.48 -5.86 28.20
C LYS A 305 -5.34 -5.20 26.84
N ILE A 306 -6.24 -5.54 25.93
CA ILE A 306 -6.19 -5.02 24.58
C ILE A 306 -7.15 -3.87 24.30
N VAL A 307 -6.60 -2.78 23.76
CA VAL A 307 -7.40 -1.62 23.40
C VAL A 307 -7.35 -1.55 21.87
N HIS A 308 -8.51 -1.54 21.23
CA HIS A 308 -8.56 -1.50 19.78
C HIS A 308 -9.37 -0.31 19.29
N ILE A 309 -8.72 0.58 18.56
CA ILE A 309 -9.37 1.74 17.98
C ILE A 309 -9.40 1.57 16.46
N ASP A 310 -10.60 1.35 15.89
CA ASP A 310 -10.73 1.16 14.45
C ASP A 310 -11.92 1.93 13.90
N ILE A 311 -11.78 2.42 12.68
CA ILE A 311 -12.83 3.19 12.03
C ILE A 311 -13.94 2.27 11.50
N ASP A 312 -13.68 0.97 11.49
CA ASP A 312 -14.63 -0.02 10.98
C ASP A 312 -15.05 -0.94 12.12
N SER A 313 -16.30 -0.85 12.54
CA SER A 313 -16.82 -1.68 13.63
C SER A 313 -16.68 -3.17 13.33
N ALA A 314 -16.84 -3.54 12.05
CA ALA A 314 -16.74 -4.94 11.65
C ALA A 314 -15.38 -5.53 12.02
N GLU A 315 -14.37 -4.67 12.18
CA GLU A 315 -13.03 -5.12 12.53
C GLU A 315 -12.82 -5.32 14.04
N ILE A 316 -13.59 -4.60 14.85
CA ILE A 316 -13.44 -4.70 16.29
C ILE A 316 -14.06 -5.99 16.83
N GLY A 317 -13.18 -6.92 17.22
CA GLY A 317 -13.63 -8.20 17.74
C GLY A 317 -13.76 -9.25 16.65
N LYS A 318 -13.12 -9.03 15.51
CA LYS A 318 -13.18 -9.99 14.41
C LYS A 318 -12.29 -11.19 14.68
N ASN A 319 -11.07 -10.94 15.14
CA ASN A 319 -10.11 -11.99 15.45
C ASN A 319 -9.77 -12.06 16.94
N LYS A 320 -9.63 -10.90 17.57
CA LYS A 320 -9.34 -10.84 19.00
C LYS A 320 -10.36 -9.93 19.68
N THR A 321 -10.83 -10.37 20.84
CA THR A 321 -11.81 -9.60 21.60
C THR A 321 -11.08 -8.63 22.51
N PRO A 322 -11.28 -7.32 22.30
CA PRO A 322 -10.63 -6.29 23.12
C PRO A 322 -11.22 -6.19 24.51
N HIS A 323 -10.50 -5.53 25.41
CA HIS A 323 -10.99 -5.30 26.76
C HIS A 323 -11.64 -3.93 26.69
N VAL A 324 -11.19 -3.16 25.71
CA VAL A 324 -11.67 -1.81 25.48
C VAL A 324 -11.63 -1.56 23.98
N SER A 325 -12.66 -0.91 23.45
CA SER A 325 -12.69 -0.63 22.03
C SER A 325 -13.19 0.78 21.79
N VAL A 326 -12.88 1.31 20.63
CA VAL A 326 -13.32 2.63 20.25
C VAL A 326 -13.50 2.61 18.75
N CYS A 327 -14.75 2.68 18.31
CA CYS A 327 -15.03 2.69 16.89
C CYS A 327 -15.02 4.14 16.44
N GLY A 328 -13.92 4.56 15.82
CA GLY A 328 -13.82 5.92 15.36
C GLY A 328 -12.47 6.23 14.73
N ASP A 329 -12.26 7.50 14.38
CA ASP A 329 -11.00 7.92 13.77
C ASP A 329 -9.89 7.98 14.82
N VAL A 330 -8.85 7.16 14.62
CA VAL A 330 -7.75 7.12 15.56
C VAL A 330 -7.04 8.46 15.70
N LYS A 331 -7.11 9.27 14.64
CA LYS A 331 -6.49 10.60 14.64
C LYS A 331 -7.19 11.45 15.70
N LEU A 332 -8.51 11.32 15.78
CA LEU A 332 -9.29 12.07 16.76
C LEU A 332 -9.01 11.54 18.16
N ALA A 333 -9.01 10.22 18.32
CA ALA A 333 -8.76 9.61 19.62
C ALA A 333 -7.39 10.02 20.15
N LEU A 334 -6.37 10.00 19.30
CA LEU A 334 -5.03 10.39 19.72
C LEU A 334 -5.02 11.83 20.21
N GLN A 335 -5.70 12.72 19.47
CA GLN A 335 -5.78 14.12 19.85
C GLN A 335 -6.50 14.26 21.18
N GLY A 336 -7.59 13.51 21.34
CA GLY A 336 -8.33 13.56 22.59
C GLY A 336 -7.48 13.09 23.75
N MET A 337 -6.90 11.90 23.60
CA MET A 337 -6.05 11.37 24.66
C MET A 337 -4.85 12.27 24.91
N ASN A 338 -4.40 12.98 23.87
CA ASN A 338 -3.27 13.87 24.03
C ASN A 338 -3.58 15.05 24.93
N LYS A 339 -4.78 15.62 24.82
CA LYS A 339 -5.16 16.74 25.68
C LYS A 339 -5.16 16.23 27.13
N VAL A 340 -5.84 15.10 27.35
CA VAL A 340 -5.91 14.51 28.68
C VAL A 340 -4.50 14.23 29.23
N LEU A 341 -3.65 13.61 28.42
CA LEU A 341 -2.30 13.29 28.86
C LEU A 341 -1.51 14.53 29.25
N GLU A 342 -1.73 15.64 28.55
CA GLU A 342 -1.00 16.88 28.85
C GLU A 342 -1.50 17.50 30.14
N ASN A 343 -2.82 17.57 30.31
CA ASN A 343 -3.40 18.17 31.51
C ASN A 343 -3.56 17.20 32.66
N ARG A 344 -2.59 16.31 32.83
CA ARG A 344 -2.63 15.33 33.90
C ARG A 344 -1.28 14.65 34.09
N ALA A 345 -0.28 15.13 33.35
CA ALA A 345 1.06 14.58 33.43
C ALA A 345 1.53 14.55 34.89
N GLU A 346 1.33 15.67 35.58
CA GLU A 346 1.71 15.81 36.98
C GLU A 346 1.22 14.67 37.84
N GLU A 347 -0.09 14.41 37.80
CA GLU A 347 -0.66 13.33 38.60
C GLU A 347 -0.45 11.95 38.02
N LEU A 348 -0.28 11.86 36.70
CA LEU A 348 -0.07 10.57 36.06
C LEU A 348 1.33 10.03 36.31
N LYS A 349 2.33 10.86 36.08
CA LYS A 349 3.73 10.46 36.29
C LYS A 349 4.01 9.14 35.58
N LEU A 350 3.80 9.11 34.27
CA LEU A 350 4.03 7.91 33.50
C LEU A 350 5.52 7.68 33.31
N ASP A 351 5.96 6.48 33.71
CA ASP A 351 7.37 6.12 33.58
C ASP A 351 7.50 4.63 33.28
N PHE A 352 7.80 4.32 32.02
CA PHE A 352 7.95 2.92 31.62
C PHE A 352 9.41 2.55 31.34
N GLY A 353 10.33 3.26 31.98
CA GLY A 353 11.75 3.00 31.78
C GLY A 353 12.15 1.55 31.99
N VAL A 354 11.64 0.93 33.05
CA VAL A 354 11.96 -0.45 33.34
C VAL A 354 11.61 -1.36 32.17
N TRP A 355 10.36 -1.28 31.71
CA TRP A 355 9.88 -2.07 30.58
C TRP A 355 10.74 -1.73 29.35
N ARG A 356 10.89 -0.44 29.07
CA ARG A 356 11.67 -0.01 27.93
C ARG A 356 13.06 -0.64 27.89
N ASN A 357 13.71 -0.76 29.05
CA ASN A 357 15.03 -1.36 29.08
C ASN A 357 14.96 -2.87 28.98
N GLU A 358 13.84 -3.45 29.44
CA GLU A 358 13.68 -4.89 29.35
C GLU A 358 13.61 -5.24 27.86
N LEU A 359 13.21 -4.26 27.06
CA LEU A 359 13.10 -4.44 25.62
C LEU A 359 14.41 -4.05 24.92
N ASN A 360 15.03 -2.96 25.36
CA ASN A 360 16.28 -2.52 24.75
C ASN A 360 17.37 -3.59 24.84
N VAL A 361 17.24 -4.50 25.80
CA VAL A 361 18.21 -5.56 25.94
C VAL A 361 17.89 -6.63 24.90
N GLN A 362 16.61 -6.86 24.67
CA GLN A 362 16.18 -7.84 23.67
C GLN A 362 16.61 -7.28 22.31
N LYS A 363 16.49 -5.97 22.16
CA LYS A 363 16.86 -5.28 20.93
C LYS A 363 18.37 -5.40 20.70
N GLN A 364 19.10 -5.59 21.80
CA GLN A 364 20.54 -5.70 21.76
C GLN A 364 20.98 -7.14 21.49
N LYS A 365 20.30 -8.09 22.12
CA LYS A 365 20.63 -9.49 21.95
C LYS A 365 20.13 -10.06 20.62
N PHE A 366 18.93 -9.68 20.20
CA PHE A 366 18.35 -10.20 18.95
C PHE A 366 17.99 -9.14 17.92
N PRO A 367 18.97 -8.41 17.38
CA PRO A 367 18.70 -7.37 16.38
C PRO A 367 18.63 -7.94 14.96
N LEU A 368 18.14 -7.15 14.02
CA LEU A 368 18.05 -7.60 12.63
C LEU A 368 19.49 -7.78 12.16
N SER A 369 19.74 -8.89 11.49
CA SER A 369 21.09 -9.16 11.03
C SER A 369 21.15 -9.90 9.69
N PHE A 370 22.28 -9.73 9.01
CA PHE A 370 22.53 -10.38 7.74
C PHE A 370 23.99 -10.77 7.68
N LYS A 371 24.30 -11.71 6.80
CA LYS A 371 25.66 -12.18 6.64
C LYS A 371 26.20 -11.79 5.27
N THR A 372 27.47 -11.40 5.22
CA THR A 372 28.10 -11.01 3.96
C THR A 372 29.08 -12.11 3.56
N PHE A 373 28.94 -12.64 2.35
CA PHE A 373 29.82 -13.71 1.86
C PHE A 373 30.76 -13.25 0.75
N GLY A 374 32.06 -13.23 1.03
CA GLY A 374 33.01 -12.79 0.04
C GLY A 374 32.64 -11.44 -0.53
N GLU A 375 32.54 -11.36 -1.86
CA GLU A 375 32.17 -10.10 -2.50
C GLU A 375 30.74 -10.07 -3.02
N ALA A 376 29.97 -11.09 -2.68
CA ALA A 376 28.57 -11.17 -3.08
C ALA A 376 27.82 -9.98 -2.44
N ILE A 377 26.77 -9.52 -3.10
CA ILE A 377 26.01 -8.40 -2.58
C ILE A 377 24.86 -8.86 -1.70
N PRO A 378 24.82 -8.41 -0.44
CA PRO A 378 23.73 -8.80 0.47
C PRO A 378 22.52 -7.89 0.16
N PRO A 379 21.37 -8.47 -0.20
CA PRO A 379 20.22 -7.60 -0.48
C PRO A 379 19.96 -6.59 0.64
N GLN A 380 19.99 -7.08 1.88
CA GLN A 380 19.76 -6.20 3.03
C GLN A 380 20.69 -5.00 2.98
N TYR A 381 21.96 -5.27 2.64
CA TYR A 381 22.99 -4.23 2.58
C TYR A 381 22.68 -3.18 1.51
N ALA A 382 22.26 -3.64 0.34
CA ALA A 382 21.92 -2.75 -0.76
C ALA A 382 20.85 -1.76 -0.32
N ILE A 383 19.83 -2.28 0.35
CA ILE A 383 18.73 -1.46 0.83
C ILE A 383 19.26 -0.54 1.93
N LYS A 384 20.17 -1.05 2.75
CA LYS A 384 20.75 -0.26 3.82
C LYS A 384 21.50 0.94 3.20
N VAL A 385 22.19 0.70 2.10
CA VAL A 385 22.93 1.74 1.42
C VAL A 385 21.97 2.75 0.78
N LEU A 386 20.92 2.24 0.13
CA LEU A 386 19.94 3.12 -0.51
C LEU A 386 19.43 4.12 0.52
N ASP A 387 19.08 3.59 1.69
CA ASP A 387 18.61 4.41 2.78
C ASP A 387 19.62 5.55 2.97
N GLU A 388 20.85 5.19 3.31
CA GLU A 388 21.92 6.16 3.55
C GLU A 388 22.04 7.23 2.47
N LEU A 389 22.19 6.81 1.22
CA LEU A 389 22.35 7.75 0.12
C LEU A 389 21.13 8.61 -0.18
N THR A 390 19.94 8.17 0.23
CA THR A 390 18.73 8.95 -0.01
C THR A 390 18.31 9.63 1.29
N ASP A 391 19.08 9.37 2.34
CA ASP A 391 18.81 9.94 3.66
C ASP A 391 17.40 9.60 4.10
N GLY A 392 16.99 8.36 3.79
CA GLY A 392 15.68 7.86 4.14
C GLY A 392 14.50 8.76 3.82
N LYS A 393 14.62 9.55 2.76
CA LYS A 393 13.54 10.46 2.39
C LYS A 393 12.89 10.07 1.06
N ALA A 394 13.23 8.90 0.55
CA ALA A 394 12.68 8.43 -0.72
C ALA A 394 11.37 7.69 -0.56
N ILE A 395 10.55 7.73 -1.60
CA ILE A 395 9.29 7.03 -1.60
C ILE A 395 9.68 5.66 -2.15
N ILE A 396 9.33 4.62 -1.41
CA ILE A 396 9.67 3.26 -1.81
C ILE A 396 8.46 2.40 -2.15
N SER A 397 8.44 1.88 -3.37
CA SER A 397 7.36 0.98 -3.78
C SER A 397 8.09 -0.35 -3.94
N THR A 398 7.38 -1.46 -3.81
CA THR A 398 8.03 -2.76 -3.93
C THR A 398 7.16 -3.83 -4.56
N GLY A 399 7.76 -4.99 -4.79
CA GLY A 399 7.02 -6.11 -5.32
C GLY A 399 6.66 -6.92 -4.10
N VAL A 400 6.51 -8.23 -4.27
CA VAL A 400 6.17 -9.08 -3.16
C VAL A 400 7.20 -10.21 -3.02
N GLY A 401 7.50 -10.60 -1.79
CA GLY A 401 8.47 -11.66 -1.56
C GLY A 401 9.54 -11.25 -0.57
N GLN A 402 10.72 -11.84 -0.72
CA GLN A 402 11.85 -11.55 0.17
C GLN A 402 12.30 -10.11 0.06
N HIS A 403 12.51 -9.63 -1.16
CA HIS A 403 12.95 -8.26 -1.34
C HIS A 403 12.00 -7.29 -0.64
N GLN A 404 10.71 -7.63 -0.66
CA GLN A 404 9.69 -6.80 -0.03
C GLN A 404 9.95 -6.74 1.47
N MET A 405 10.18 -7.90 2.08
CA MET A 405 10.45 -7.94 3.50
C MET A 405 11.70 -7.15 3.85
N TRP A 406 12.77 -7.32 3.07
CA TRP A 406 13.99 -6.58 3.38
C TRP A 406 13.77 -5.07 3.21
N ALA A 407 13.07 -4.66 2.16
CA ALA A 407 12.80 -3.24 1.97
C ALA A 407 12.09 -2.69 3.22
N ALA A 408 11.26 -3.53 3.84
CA ALA A 408 10.56 -3.09 5.04
C ALA A 408 11.50 -3.09 6.25
N GLN A 409 12.34 -4.12 6.35
CA GLN A 409 13.28 -4.27 7.46
C GLN A 409 14.47 -3.34 7.47
N PHE A 410 15.15 -3.21 6.33
CA PHE A 410 16.36 -2.40 6.29
C PHE A 410 16.33 -0.99 5.73
N TYR A 411 15.19 -0.35 5.77
CA TYR A 411 15.08 1.03 5.31
C TYR A 411 14.24 1.71 6.38
N ASN A 412 14.68 2.87 6.85
CA ASN A 412 13.94 3.57 7.88
C ASN A 412 13.10 4.69 7.31
N TYR A 413 11.78 4.50 7.38
CA TYR A 413 10.84 5.47 6.88
C TYR A 413 10.64 6.56 7.91
N LYS A 414 10.72 7.81 7.45
CA LYS A 414 10.56 8.95 8.35
C LYS A 414 9.09 9.34 8.47
N LYS A 415 8.33 9.17 7.40
CA LYS A 415 6.93 9.55 7.38
C LYS A 415 6.02 8.53 6.69
N PRO A 416 4.70 8.66 6.87
CA PRO A 416 3.78 7.71 6.23
C PRO A 416 3.67 8.08 4.75
N ARG A 417 3.16 7.15 3.93
CA ARG A 417 3.01 7.38 2.50
C ARG A 417 4.34 7.45 1.77
N GLN A 418 5.36 6.89 2.40
CA GLN A 418 6.69 6.83 1.83
C GLN A 418 6.86 5.37 1.43
N TRP A 419 6.09 4.51 2.09
CA TRP A 419 6.10 3.07 1.88
C TRP A 419 4.86 2.64 1.09
N LEU A 420 5.09 2.13 -0.13
CA LEU A 420 4.01 1.68 -1.00
C LEU A 420 4.20 0.20 -1.31
N SER A 421 3.47 -0.65 -0.60
CA SER A 421 3.60 -2.09 -0.79
C SER A 421 2.27 -2.81 -0.62
N SER A 422 2.06 -3.86 -1.42
CA SER A 422 0.84 -4.66 -1.35
C SER A 422 0.98 -5.65 -0.20
N GLY A 423 0.22 -5.43 0.88
CA GLY A 423 0.32 -6.30 2.03
C GLY A 423 -0.75 -7.36 2.24
N GLY A 424 -2.01 -6.98 2.06
CA GLY A 424 -3.10 -7.92 2.24
C GLY A 424 -3.17 -8.99 1.17
N LEU A 425 -3.26 -8.56 -0.08
CA LEU A 425 -3.33 -9.49 -1.20
C LEU A 425 -1.93 -9.92 -1.60
N GLY A 426 -0.97 -9.02 -1.42
CA GLY A 426 0.42 -9.33 -1.77
C GLY A 426 0.57 -9.67 -3.24
N ALA A 427 0.14 -8.75 -4.10
CA ALA A 427 0.20 -8.95 -5.54
C ALA A 427 1.53 -8.61 -6.19
N MET A 428 2.13 -9.59 -6.85
CA MET A 428 3.40 -9.37 -7.55
C MET A 428 3.19 -8.44 -8.76
N GLY A 429 4.23 -7.69 -9.11
CA GLY A 429 4.13 -6.79 -10.24
C GLY A 429 3.54 -5.44 -9.85
N PHE A 430 3.42 -5.22 -8.55
CA PHE A 430 2.86 -3.98 -8.01
C PHE A 430 3.90 -2.84 -8.00
N GLY A 431 5.16 -3.23 -7.73
CA GLY A 431 6.26 -2.29 -7.63
C GLY A 431 6.49 -1.22 -8.69
N LEU A 432 6.70 -1.63 -9.94
CA LEU A 432 6.95 -0.65 -10.99
C LEU A 432 5.76 0.30 -11.23
N PRO A 433 4.55 -0.24 -11.47
CA PRO A 433 3.39 0.61 -11.71
C PRO A 433 3.12 1.56 -10.52
N ALA A 434 3.26 1.06 -9.31
CA ALA A 434 3.01 1.86 -8.13
C ALA A 434 3.93 3.07 -8.07
N ALA A 435 5.19 2.85 -8.47
CA ALA A 435 6.18 3.91 -8.47
C ALA A 435 5.77 4.98 -9.48
N ILE A 436 5.17 4.54 -10.58
CA ILE A 436 4.72 5.48 -11.61
C ILE A 436 3.68 6.44 -11.01
N GLY A 437 2.67 5.89 -10.33
CA GLY A 437 1.66 6.74 -9.76
C GLY A 437 2.25 7.66 -8.70
N ALA A 438 3.12 7.10 -7.86
CA ALA A 438 3.77 7.86 -6.80
C ALA A 438 4.54 9.05 -7.37
N SER A 439 5.31 8.79 -8.42
CA SER A 439 6.12 9.83 -9.05
C SER A 439 5.26 10.96 -9.61
N VAL A 440 4.16 10.59 -10.28
CA VAL A 440 3.26 11.58 -10.84
C VAL A 440 2.64 12.41 -9.73
N ALA A 441 2.42 11.79 -8.58
CA ALA A 441 1.82 12.47 -7.44
C ALA A 441 2.85 13.28 -6.65
N ASN A 442 4.13 12.93 -6.79
CA ASN A 442 5.21 13.61 -6.09
C ASN A 442 6.39 13.82 -7.04
N PRO A 443 6.21 14.71 -8.03
CA PRO A 443 7.18 15.08 -9.07
C PRO A 443 8.59 15.42 -8.59
N ASP A 444 8.69 16.01 -7.40
CA ASP A 444 10.00 16.41 -6.88
C ASP A 444 10.59 15.41 -5.90
N ALA A 445 9.94 14.27 -5.72
CA ALA A 445 10.43 13.28 -4.78
C ALA A 445 11.31 12.22 -5.40
N ILE A 446 12.07 11.54 -4.56
CA ILE A 446 12.91 10.44 -5.02
C ILE A 446 12.03 9.20 -4.95
N VAL A 447 11.75 8.62 -6.10
CA VAL A 447 10.92 7.43 -6.14
C VAL A 447 11.76 6.23 -6.56
N VAL A 448 11.78 5.22 -5.70
CA VAL A 448 12.56 4.00 -5.97
C VAL A 448 11.73 2.75 -5.82
N ASP A 449 11.73 1.92 -6.85
CA ASP A 449 11.01 0.66 -6.81
C ASP A 449 12.01 -0.43 -6.47
N ILE A 450 11.94 -0.94 -5.24
CA ILE A 450 12.83 -2.03 -4.81
C ILE A 450 12.05 -3.27 -5.21
N ASP A 451 12.38 -3.81 -6.36
CA ASP A 451 11.68 -4.97 -6.93
C ASP A 451 12.44 -6.29 -6.92
N GLY A 452 11.71 -7.35 -7.27
CA GLY A 452 12.30 -8.67 -7.36
C GLY A 452 12.33 -9.00 -8.83
N ASP A 453 13.18 -9.94 -9.25
CA ASP A 453 13.26 -10.26 -10.68
C ASP A 453 11.99 -10.94 -11.17
N GLY A 454 11.26 -11.59 -10.28
CA GLY A 454 10.03 -12.24 -10.67
C GLY A 454 8.88 -11.26 -10.77
N SER A 455 8.77 -10.38 -9.77
CA SER A 455 7.73 -9.37 -9.74
C SER A 455 7.95 -8.31 -10.81
N PHE A 456 9.22 -7.92 -10.98
CA PHE A 456 9.55 -6.89 -11.95
C PHE A 456 9.10 -7.25 -13.36
N ILE A 457 9.42 -8.46 -13.79
CA ILE A 457 9.07 -8.87 -15.14
C ILE A 457 7.58 -8.95 -15.46
N MET A 458 6.73 -9.19 -14.45
CA MET A 458 5.30 -9.29 -14.69
C MET A 458 4.68 -8.07 -15.35
N ASN A 459 5.09 -6.88 -14.91
CA ASN A 459 4.58 -5.65 -15.52
C ASN A 459 5.72 -4.80 -16.08
N VAL A 460 6.68 -5.47 -16.68
CA VAL A 460 7.83 -4.81 -17.25
C VAL A 460 7.44 -3.88 -18.40
N GLN A 461 6.23 -4.03 -18.92
CA GLN A 461 5.80 -3.17 -20.01
C GLN A 461 5.59 -1.73 -19.56
N GLU A 462 5.47 -1.51 -18.26
CA GLU A 462 5.26 -0.16 -17.79
C GLU A 462 6.53 0.70 -17.90
N LEU A 463 7.64 0.06 -18.31
CA LEU A 463 8.89 0.78 -18.49
C LEU A 463 8.69 1.78 -19.62
N ALA A 464 7.88 1.38 -20.60
CA ALA A 464 7.57 2.24 -21.73
C ALA A 464 6.80 3.47 -21.23
N THR A 465 5.89 3.24 -20.28
CA THR A 465 5.10 4.31 -19.69
C THR A 465 6.05 5.30 -19.04
N ILE A 466 6.95 4.77 -18.23
CA ILE A 466 7.92 5.61 -17.53
C ILE A 466 8.73 6.50 -18.48
N ARG A 467 9.26 5.93 -19.56
CA ARG A 467 10.04 6.72 -20.51
C ARG A 467 9.23 7.82 -21.18
N VAL A 468 8.08 7.45 -21.72
CA VAL A 468 7.21 8.41 -22.41
C VAL A 468 6.70 9.51 -21.51
N GLU A 469 6.42 9.18 -20.25
CA GLU A 469 5.92 10.15 -19.29
C GLU A 469 7.07 10.89 -18.61
N ASN A 470 8.30 10.48 -18.91
CA ASN A 470 9.49 11.07 -18.34
C ASN A 470 9.49 11.16 -16.82
N LEU A 471 9.15 10.05 -16.17
CA LEU A 471 9.12 10.00 -14.71
C LEU A 471 10.50 9.55 -14.22
N PRO A 472 11.06 10.27 -13.24
CA PRO A 472 12.38 9.94 -12.70
C PRO A 472 12.34 8.70 -11.81
N VAL A 473 11.64 7.66 -12.26
CA VAL A 473 11.55 6.44 -11.47
C VAL A 473 12.86 5.64 -11.43
N LYS A 474 13.33 5.35 -10.23
CA LYS A 474 14.55 4.57 -10.06
C LYS A 474 14.13 3.14 -9.73
N VAL A 475 14.82 2.16 -10.29
CA VAL A 475 14.48 0.77 -10.00
C VAL A 475 15.66 0.03 -9.38
N LEU A 476 15.54 -0.34 -8.12
CA LEU A 476 16.57 -1.09 -7.44
C LEU A 476 16.10 -2.53 -7.51
N LEU A 477 16.51 -3.23 -8.56
CA LEU A 477 16.12 -4.61 -8.78
C LEU A 477 17.04 -5.60 -8.08
N LEU A 478 16.52 -6.24 -7.03
CA LEU A 478 17.32 -7.23 -6.30
C LEU A 478 17.14 -8.55 -7.05
N ASN A 479 18.04 -8.81 -7.99
CA ASN A 479 17.96 -10.01 -8.82
C ASN A 479 18.59 -11.25 -8.18
N ASN A 480 17.75 -12.25 -7.89
CA ASN A 480 18.23 -13.49 -7.29
C ASN A 480 17.82 -14.71 -8.11
N GLN A 481 17.43 -14.48 -9.37
CA GLN A 481 17.04 -15.55 -10.30
C GLN A 481 15.99 -16.54 -9.80
N HIS A 482 15.37 -16.25 -8.66
CA HIS A 482 14.36 -17.16 -8.10
C HIS A 482 13.11 -16.45 -7.57
N LEU A 483 12.09 -17.25 -7.30
CA LEU A 483 10.87 -16.74 -6.69
C LEU A 483 11.24 -16.91 -5.22
N GLY A 484 12.05 -15.97 -4.76
CA GLY A 484 12.56 -15.96 -3.40
C GLY A 484 11.78 -16.50 -2.23
N MET A 485 10.66 -15.85 -1.89
CA MET A 485 9.88 -16.28 -0.75
C MET A 485 9.40 -17.73 -0.87
N VAL A 486 9.04 -18.15 -2.08
CA VAL A 486 8.59 -19.52 -2.23
C VAL A 486 9.74 -20.52 -2.11
N MET A 487 10.93 -20.14 -2.56
CA MET A 487 12.06 -21.06 -2.44
C MET A 487 12.50 -21.14 -0.99
N GLN A 488 12.24 -20.08 -0.22
CA GLN A 488 12.60 -20.10 1.21
C GLN A 488 11.77 -21.20 1.90
N TRP A 489 10.48 -21.24 1.59
CA TRP A 489 9.60 -22.22 2.17
C TRP A 489 9.96 -23.62 1.68
N GLU A 490 10.49 -23.71 0.46
CA GLU A 490 10.91 -25.01 -0.08
C GLU A 490 12.06 -25.52 0.77
N ASP A 491 12.99 -24.63 1.10
CA ASP A 491 14.14 -24.98 1.91
C ASP A 491 13.74 -25.38 3.34
N ARG A 492 12.90 -24.56 3.96
CA ARG A 492 12.46 -24.82 5.32
C ARG A 492 11.54 -26.01 5.49
N PHE A 493 10.51 -26.10 4.65
CA PHE A 493 9.54 -27.17 4.81
C PHE A 493 9.43 -28.21 3.72
N TYR A 494 10.28 -28.16 2.70
CA TYR A 494 10.20 -29.16 1.65
C TYR A 494 11.53 -29.74 1.20
N LYS A 495 12.50 -29.75 2.13
CA LYS A 495 13.81 -30.30 1.85
C LYS A 495 14.44 -29.75 0.56
N ALA A 496 14.30 -28.43 0.41
CA ALA A 496 14.85 -27.73 -0.75
C ALA A 496 14.46 -28.32 -2.11
N ASN A 497 13.32 -29.00 -2.17
CA ASN A 497 12.87 -29.57 -3.44
C ASN A 497 12.29 -28.47 -4.33
N ARG A 498 13.08 -28.01 -5.31
CA ARG A 498 12.64 -26.94 -6.20
C ARG A 498 11.46 -27.34 -7.08
N ALA A 499 10.35 -26.64 -6.95
CA ALA A 499 9.19 -26.93 -7.78
C ALA A 499 8.76 -25.71 -8.59
N HIS A 500 9.56 -25.38 -9.60
CA HIS A 500 9.27 -24.26 -10.49
C HIS A 500 9.55 -22.88 -9.87
N THR A 501 10.55 -22.80 -9.00
CA THR A 501 10.88 -21.51 -8.38
C THR A 501 12.04 -20.80 -9.06
N PHE A 502 12.74 -21.50 -9.95
CA PHE A 502 13.88 -20.91 -10.66
C PHE A 502 13.40 -20.11 -11.87
N LEU A 503 13.80 -18.84 -11.94
CA LEU A 503 13.39 -17.98 -13.05
C LEU A 503 14.40 -17.80 -14.17
N GLY A 504 15.58 -18.40 -14.03
CA GLY A 504 16.60 -18.26 -15.07
C GLY A 504 16.52 -19.36 -16.12
N ASP A 505 17.47 -19.37 -17.04
CA ASP A 505 17.48 -20.39 -18.09
C ASP A 505 18.30 -21.61 -17.65
N PRO A 506 17.67 -22.78 -17.56
CA PRO A 506 18.36 -24.01 -17.16
C PRO A 506 19.46 -24.41 -18.14
N ALA A 507 19.32 -23.97 -19.39
CA ALA A 507 20.31 -24.26 -20.42
C ALA A 507 21.63 -23.56 -20.07
N GLN A 508 21.53 -22.51 -19.27
CA GLN A 508 22.71 -21.76 -18.84
C GLN A 508 22.55 -21.38 -17.37
N GLU A 509 22.44 -22.40 -16.52
CA GLU A 509 22.28 -22.23 -15.07
C GLU A 509 23.03 -21.04 -14.48
N ASP A 510 24.26 -20.82 -14.95
CA ASP A 510 25.08 -19.73 -14.44
C ASP A 510 25.06 -18.50 -15.34
N GLU A 511 23.87 -17.99 -15.63
CA GLU A 511 23.72 -16.81 -16.47
C GLU A 511 22.49 -16.04 -16.05
N ILE A 512 22.69 -14.78 -15.71
CA ILE A 512 21.57 -13.93 -15.31
C ILE A 512 20.58 -13.90 -16.46
N PHE A 513 19.36 -14.35 -16.19
CA PHE A 513 18.32 -14.39 -17.19
C PHE A 513 16.97 -14.04 -16.59
N PRO A 514 16.19 -13.17 -17.26
CA PRO A 514 16.61 -12.56 -18.51
C PRO A 514 17.59 -11.43 -18.22
N ASN A 515 17.99 -10.72 -19.27
CA ASN A 515 18.91 -9.59 -19.12
C ASN A 515 18.06 -8.33 -18.95
N MET A 516 17.66 -8.04 -17.72
CA MET A 516 16.81 -6.89 -17.44
C MET A 516 17.34 -5.59 -18.03
N LEU A 517 18.66 -5.49 -18.17
CA LEU A 517 19.27 -4.28 -18.72
C LEU A 517 18.72 -3.96 -20.11
N LEU A 518 18.47 -5.01 -20.89
CA LEU A 518 17.95 -4.84 -22.23
C LEU A 518 16.48 -4.45 -22.26
N PHE A 519 15.73 -4.79 -21.21
CA PHE A 519 14.32 -4.40 -21.15
C PHE A 519 14.34 -2.89 -21.00
N ALA A 520 15.26 -2.41 -20.16
CA ALA A 520 15.43 -0.99 -19.94
C ALA A 520 15.86 -0.29 -21.23
N ALA A 521 16.84 -0.89 -21.90
CA ALA A 521 17.35 -0.33 -23.15
C ALA A 521 16.25 -0.23 -24.18
N ALA A 522 15.40 -1.25 -24.24
CA ALA A 522 14.29 -1.26 -25.19
C ALA A 522 13.38 -0.03 -25.03
N CYS A 523 13.32 0.51 -23.82
CA CYS A 523 12.47 1.67 -23.56
C CYS A 523 13.30 2.93 -23.32
N GLY A 524 14.54 2.91 -23.79
CA GLY A 524 15.40 4.07 -23.63
C GLY A 524 15.63 4.49 -22.20
N ILE A 525 15.81 3.51 -21.32
CA ILE A 525 16.05 3.79 -19.92
C ILE A 525 17.44 3.31 -19.56
N PRO A 526 18.30 4.22 -19.10
CA PRO A 526 19.67 3.90 -18.70
C PRO A 526 19.68 2.87 -17.58
N ALA A 527 20.57 1.89 -17.72
CA ALA A 527 20.66 0.83 -16.73
C ALA A 527 22.10 0.33 -16.56
N ALA A 528 22.34 -0.36 -15.46
CA ALA A 528 23.64 -0.92 -15.16
C ALA A 528 23.45 -2.11 -14.23
N ARG A 529 24.44 -3.00 -14.21
CA ARG A 529 24.39 -4.17 -13.36
C ARG A 529 25.49 -4.08 -12.30
N VAL A 530 25.24 -4.66 -11.14
CA VAL A 530 26.19 -4.65 -10.03
C VAL A 530 26.27 -6.06 -9.49
N THR A 531 27.49 -6.55 -9.26
CA THR A 531 27.67 -7.90 -8.75
C THR A 531 28.59 -7.96 -7.55
N LYS A 532 29.45 -6.96 -7.42
CA LYS A 532 30.40 -6.90 -6.31
C LYS A 532 29.94 -5.89 -5.24
N LYS A 533 29.91 -6.34 -3.99
CA LYS A 533 29.50 -5.50 -2.88
C LYS A 533 30.28 -4.19 -2.85
N ALA A 534 31.49 -4.22 -3.39
CA ALA A 534 32.36 -3.05 -3.42
C ALA A 534 31.88 -1.93 -4.34
N ASP A 535 31.28 -2.30 -5.47
CA ASP A 535 30.81 -1.31 -6.43
C ASP A 535 29.41 -0.81 -6.16
N LEU A 536 28.74 -1.46 -5.21
CA LEU A 536 27.36 -1.12 -4.84
C LEU A 536 27.08 0.35 -4.52
N ARG A 537 27.87 0.93 -3.63
CA ARG A 537 27.70 2.32 -3.24
C ARG A 537 27.76 3.29 -4.42
N GLU A 538 28.77 3.12 -5.28
CA GLU A 538 28.93 4.00 -6.42
C GLU A 538 27.82 3.77 -7.45
N ALA A 539 27.42 2.51 -7.61
CA ALA A 539 26.37 2.17 -8.56
C ALA A 539 25.06 2.83 -8.15
N ILE A 540 24.66 2.64 -6.90
CA ILE A 540 23.43 3.23 -6.43
C ILE A 540 23.52 4.75 -6.55
N GLN A 541 24.63 5.32 -6.11
CA GLN A 541 24.80 6.77 -6.19
C GLN A 541 24.58 7.26 -7.62
N THR A 542 25.08 6.50 -8.59
CA THR A 542 24.93 6.86 -10.00
C THR A 542 23.45 6.89 -10.35
N MET A 543 22.77 5.79 -10.05
CA MET A 543 21.34 5.68 -10.31
C MET A 543 20.63 6.93 -9.77
N LEU A 544 20.91 7.25 -8.53
CA LEU A 544 20.31 8.41 -7.90
C LEU A 544 20.66 9.71 -8.63
N ASP A 545 21.94 9.88 -8.95
CA ASP A 545 22.41 11.10 -9.62
C ASP A 545 22.00 11.26 -11.07
N THR A 546 21.92 10.16 -11.81
CA THR A 546 21.53 10.24 -13.21
C THR A 546 20.07 10.70 -13.32
N PRO A 547 19.84 11.86 -13.95
CA PRO A 547 18.49 12.41 -14.12
C PRO A 547 17.59 11.49 -14.91
N GLY A 548 16.30 11.44 -14.55
CA GLY A 548 15.36 10.60 -15.25
C GLY A 548 15.28 9.19 -14.68
N PRO A 549 14.62 8.27 -15.40
CA PRO A 549 14.45 6.89 -14.98
C PRO A 549 15.80 6.18 -14.98
N TYR A 550 15.93 5.16 -14.13
CA TYR A 550 17.16 4.41 -14.06
C TYR A 550 16.90 3.03 -13.49
N LEU A 551 17.57 2.03 -14.05
CA LEU A 551 17.43 0.65 -13.57
C LEU A 551 18.78 0.09 -13.13
N LEU A 552 18.87 -0.28 -11.85
CA LEU A 552 20.09 -0.87 -11.34
C LEU A 552 19.79 -2.34 -11.06
N ASP A 553 20.48 -3.22 -11.78
CA ASP A 553 20.29 -4.65 -11.62
C ASP A 553 21.28 -5.17 -10.59
N VAL A 554 20.81 -5.31 -9.35
CA VAL A 554 21.64 -5.79 -8.24
C VAL A 554 21.62 -7.32 -8.12
N ILE A 555 22.72 -7.98 -8.49
CA ILE A 555 22.75 -9.43 -8.39
C ILE A 555 22.99 -9.88 -6.95
N CYS A 556 22.22 -10.87 -6.49
CA CYS A 556 22.33 -11.35 -5.13
C CYS A 556 22.34 -12.87 -5.02
N PRO A 557 23.00 -13.40 -4.00
CA PRO A 557 23.02 -14.87 -3.87
C PRO A 557 21.61 -15.28 -3.47
N HIS A 558 21.04 -16.26 -4.18
CA HIS A 558 19.69 -16.69 -3.90
C HIS A 558 19.45 -17.43 -2.60
N GLN A 559 20.49 -18.00 -2.01
CA GLN A 559 20.30 -18.75 -0.77
C GLN A 559 19.99 -17.94 0.49
N GLU A 560 19.75 -16.63 0.34
CA GLU A 560 19.41 -15.78 1.48
C GLU A 560 18.00 -16.10 1.97
N HIS A 561 17.79 -15.98 3.28
CA HIS A 561 16.48 -16.23 3.88
C HIS A 561 16.07 -15.04 4.73
N VAL A 562 14.81 -14.62 4.61
CA VAL A 562 14.35 -13.51 5.42
C VAL A 562 14.17 -14.01 6.85
N LEU A 563 14.78 -13.30 7.79
CA LEU A 563 14.71 -13.66 9.20
C LEU A 563 14.51 -12.38 9.99
N PRO A 564 13.96 -12.49 11.22
CA PRO A 564 13.52 -13.76 11.80
C PRO A 564 12.27 -14.25 11.12
N MET A 565 11.75 -15.41 11.55
CA MET A 565 10.54 -15.94 10.96
C MET A 565 9.72 -16.79 11.90
N ILE A 566 8.45 -16.43 12.05
CA ILE A 566 7.53 -17.20 12.88
C ILE A 566 6.66 -17.95 11.89
N PRO A 567 6.78 -19.28 11.84
CA PRO A 567 5.97 -20.09 10.93
C PRO A 567 4.48 -19.75 10.98
N SER A 568 3.80 -19.93 9.86
CA SER A 568 2.38 -19.62 9.76
C SER A 568 1.59 -20.31 10.87
N GLY A 569 0.84 -19.52 11.65
CA GLY A 569 0.04 -20.06 12.72
C GLY A 569 0.84 -20.45 13.95
N GLY A 570 2.06 -19.93 14.02
CA GLY A 570 2.92 -20.25 15.14
C GLY A 570 2.83 -19.32 16.33
N THR A 571 3.74 -19.55 17.27
CA THR A 571 3.84 -18.80 18.52
C THR A 571 5.18 -18.11 18.56
N PHE A 572 5.30 -17.10 19.42
CA PHE A 572 6.57 -16.41 19.54
C PHE A 572 7.68 -17.41 19.86
N ASN A 573 7.34 -18.50 20.53
CA ASN A 573 8.32 -19.51 20.88
C ASN A 573 8.80 -20.36 19.70
N ASP A 574 8.15 -20.21 18.56
CA ASP A 574 8.53 -20.97 17.36
C ASP A 574 9.33 -20.11 16.40
N VAL A 575 9.62 -18.89 16.83
CA VAL A 575 10.36 -17.96 16.00
C VAL A 575 11.69 -18.56 15.55
N ILE A 576 11.93 -18.53 14.24
CA ILE A 576 13.16 -19.04 13.68
C ILE A 576 14.08 -17.84 13.53
N THR A 577 15.33 -17.98 13.96
CA THR A 577 16.27 -16.87 13.89
C THR A 577 17.59 -17.19 13.20
N GLU A 578 17.73 -18.42 12.73
CA GLU A 578 18.99 -18.78 12.08
C GLU A 578 18.81 -19.72 10.90
N GLY A 579 19.74 -19.65 9.95
CA GLY A 579 19.66 -20.52 8.79
C GLY A 579 19.35 -19.85 7.48
N ASP A 580 19.64 -20.57 6.40
CA ASP A 580 19.39 -20.09 5.05
C ASP A 580 19.38 -21.30 4.11
N GLY A 581 19.56 -21.07 2.83
CA GLY A 581 19.53 -22.17 1.88
C GLY A 581 20.88 -22.69 1.43
N ARG A 582 21.87 -22.64 2.31
CA ARG A 582 23.21 -23.11 1.98
C ARG A 582 23.49 -24.50 2.56
#